data_8ARG
#
_entry.id   8ARG
#
_cell.length_a   82.012
_cell.length_b   112.385
_cell.length_c   62.550
_cell.angle_alpha   90.00
_cell.angle_beta   90.00
_cell.angle_gamma   90.00
#
_symmetry.space_group_name_H-M   'C 2 2 21'
#
loop_
_entity.id
_entity.type
_entity.pdbx_description
1 polymer '14-3-3 protein sigma'
2 polymer 'Estrogen receptor'
3 non-polymer 'MAGNESIUM ION'
4 non-polymer N-[[1-(4-azanyl-1-phenoxy-cyclohexyl)carbonylpiperidin-4-yl]methyl]-2-chloranyl-ethanamide
5 water water
#
loop_
_entity_poly.entity_id
_entity_poly.type
_entity_poly.pdbx_seq_one_letter_code
_entity_poly.pdbx_strand_id
1 'polypeptide(L)'
;GAMGSMERASLIQKAKLAEQAERYEDMAAFMKGAVEKGEELSCEERNLLSVAYKNVVGGQRAAWRVLSSIEQKSNEEGSE
EKGPEVREYREKVETELQGVCDTVLGLLDSHLIKEAGDAESRVFYLKMKGDYYRYLAEVATGDDKKRIIDSARSAYQEAM
DISKKEMPPTNPIRLGLALNFSVFHYEIANSPEEAISLAKTTFDEAMADLHTLSEDSYKDSTLIMQLLRDNLTLWT
;
A
2 'polypeptide(L)' FPA(TPO)V B
#
loop_
_chem_comp.id
_chem_comp.type
_chem_comp.name
_chem_comp.formula
MG non-polymer 'MAGNESIUM ION' 'Mg 2'
ND9 non-polymer N-[[1-(4-azanyl-1-phenoxy-cyclohexyl)carbonylpiperidin-4-yl]methyl]-2-chloranyl-ethanamide 'C21 H30 Cl N3 O3'
#
# COMPACT_ATOMS: atom_id res chain seq x y z
N GLY A 1 5.95 -9.42 -20.07
CA GLY A 1 6.53 -9.96 -21.34
C GLY A 1 7.19 -11.28 -21.05
N ALA A 2 8.13 -11.26 -20.08
CA ALA A 2 8.99 -12.41 -19.73
C ALA A 2 8.19 -13.62 -19.28
N MET A 3 7.01 -13.38 -18.69
CA MET A 3 6.18 -14.46 -18.18
C MET A 3 5.10 -14.88 -19.13
N GLY A 4 5.13 -14.35 -20.37
CA GLY A 4 4.12 -14.62 -21.34
C GLY A 4 3.97 -16.05 -21.77
N SER A 5 5.06 -16.83 -21.67
CA SER A 5 5.01 -18.23 -22.01
C SER A 5 4.62 -19.17 -20.91
N MET A 6 4.46 -18.67 -19.69
CA MET A 6 4.13 -19.52 -18.55
C MET A 6 2.65 -19.54 -18.29
N GLU A 7 2.09 -20.72 -18.03
CA GLU A 7 0.68 -20.85 -17.66
C GLU A 7 0.33 -20.00 -16.47
N ARG A 8 -0.87 -19.45 -16.51
CA ARG A 8 -1.40 -18.68 -15.37
C ARG A 8 -1.27 -19.49 -14.07
N ALA A 9 -1.74 -20.75 -14.07
CA ALA A 9 -1.75 -21.50 -12.84
C ALA A 9 -0.33 -21.73 -12.32
N SER A 10 0.62 -21.91 -13.24
CA SER A 10 2.02 -22.12 -12.87
C SER A 10 2.63 -20.85 -12.27
N LEU A 11 2.20 -19.69 -12.79
CA LEU A 11 2.66 -18.43 -12.21
C LEU A 11 2.17 -18.27 -10.77
N ILE A 12 0.89 -18.60 -10.55
CA ILE A 12 0.33 -18.54 -9.21
C ILE A 12 1.03 -19.52 -8.26
N GLN A 13 1.24 -20.75 -8.73
CA GLN A 13 1.96 -21.76 -7.96
C GLN A 13 3.34 -21.24 -7.56
N LYS A 14 4.07 -20.69 -8.53
CA LYS A 14 5.40 -20.20 -8.27
C LYS A 14 5.41 -18.99 -7.36
N ALA A 15 4.40 -18.12 -7.48
CA ALA A 15 4.31 -16.98 -6.55
C ALA A 15 4.22 -17.49 -5.12
N LYS A 16 3.44 -18.57 -4.90
CA LYS A 16 3.32 -19.11 -3.57
C LYS A 16 4.64 -19.73 -3.06
N LEU A 17 5.36 -20.38 -3.96
CA LEU A 17 6.69 -20.93 -3.62
C LEU A 17 7.70 -19.80 -3.29
N ALA A 18 7.64 -18.71 -4.08
CA ALA A 18 8.49 -17.59 -3.89
C ALA A 18 8.21 -16.96 -2.52
N GLU A 19 6.94 -16.84 -2.14
CA GLU A 19 6.60 -16.36 -0.83
C GLU A 19 7.24 -17.23 0.29
N GLN A 20 7.11 -18.55 0.16
CA GLN A 20 7.66 -19.45 1.16
C GLN A 20 9.20 -19.28 1.29
N ALA A 21 9.83 -19.00 0.14
CA ALA A 21 11.28 -18.75 0.05
C ALA A 21 11.71 -17.33 0.38
N GLU A 22 10.74 -16.47 0.69
CA GLU A 22 10.98 -15.04 0.93
C GLU A 22 11.68 -14.33 -0.25
N ARG A 23 11.32 -14.77 -1.46
CA ARG A 23 11.84 -14.24 -2.73
C ARG A 23 10.77 -13.29 -3.29
N TYR A 24 10.65 -12.12 -2.69
CA TYR A 24 9.50 -11.24 -2.97
C TYR A 24 9.60 -10.59 -4.36
N GLU A 25 10.79 -10.29 -4.85
CA GLU A 25 10.92 -9.80 -6.20
C GLU A 25 10.41 -10.84 -7.20
N ASP A 26 10.82 -12.10 -7.02
CA ASP A 26 10.30 -13.17 -7.88
C ASP A 26 8.78 -13.29 -7.76
N MET A 27 8.30 -13.20 -6.53
CA MET A 27 6.86 -13.33 -6.28
C MET A 27 6.09 -12.23 -7.03
N ALA A 28 6.63 -11.02 -7.01
CA ALA A 28 5.96 -9.92 -7.68
C ALA A 28 5.97 -10.11 -9.19
N ALA A 29 7.11 -10.57 -9.73
CA ALA A 29 7.20 -10.80 -11.15
C ALA A 29 6.21 -11.90 -11.61
N PHE A 30 6.08 -12.97 -10.82
CA PHE A 30 5.13 -14.00 -11.13
C PHE A 30 3.70 -13.44 -11.12
N MET A 31 3.38 -12.65 -10.08
CA MET A 31 2.03 -12.12 -9.98
C MET A 31 1.74 -11.10 -11.09
N LYS A 32 2.73 -10.30 -11.49
CA LYS A 32 2.58 -9.41 -12.64
C LYS A 32 2.24 -10.22 -13.89
N GLY A 33 2.99 -11.33 -14.08
CA GLY A 33 2.68 -12.18 -15.19
C GLY A 33 1.24 -12.71 -15.15
N ALA A 34 0.80 -13.14 -13.97
CA ALA A 34 -0.53 -13.65 -13.80
C ALA A 34 -1.58 -12.58 -14.14
N VAL A 35 -1.37 -11.36 -13.64
CA VAL A 35 -2.32 -10.28 -13.95
C VAL A 35 -2.39 -10.06 -15.46
N GLU A 36 -1.23 -10.08 -16.11
CA GLU A 36 -1.17 -9.78 -17.54
C GLU A 36 -1.80 -10.87 -18.41
N LYS A 37 -2.18 -12.02 -17.83
CA LYS A 37 -3.01 -12.98 -18.57
C LYS A 37 -4.37 -12.43 -18.92
N GLY A 38 -4.82 -11.39 -18.18
CA GLY A 38 -6.04 -10.70 -18.53
C GLY A 38 -7.29 -11.11 -17.81
N GLU A 39 -7.24 -12.22 -17.06
CA GLU A 39 -8.39 -12.67 -16.29
C GLU A 39 -8.42 -11.94 -14.96
N GLU A 40 -9.62 -11.76 -14.41
CA GLU A 40 -9.75 -11.23 -13.06
C GLU A 40 -9.01 -12.12 -12.05
N LEU A 41 -8.65 -11.53 -10.89
CA LEU A 41 -7.98 -12.25 -9.82
C LEU A 41 -9.02 -12.63 -8.76
N SER A 42 -8.86 -13.83 -8.21
CA SER A 42 -9.61 -14.23 -7.06
C SER A 42 -9.10 -13.50 -5.80
N CYS A 43 -9.80 -13.69 -4.69
CA CYS A 43 -9.38 -13.08 -3.44
C CYS A 43 -7.96 -13.52 -3.05
N GLU A 44 -7.71 -14.82 -3.10
CA GLU A 44 -6.40 -15.32 -2.74
C GLU A 44 -5.33 -14.71 -3.65
N GLU A 45 -5.63 -14.62 -4.93
CA GLU A 45 -4.67 -14.09 -5.90
C GLU A 45 -4.39 -12.61 -5.70
N ARG A 46 -5.44 -11.84 -5.40
CA ARG A 46 -5.28 -10.40 -5.07
C ARG A 46 -4.35 -10.29 -3.87
N ASN A 47 -4.49 -11.14 -2.87
CA ASN A 47 -3.64 -11.06 -1.70
C ASN A 47 -2.18 -11.42 -2.01
N LEU A 48 -1.97 -12.37 -2.94
CA LEU A 48 -0.61 -12.67 -3.35
C LEU A 48 0.04 -11.47 -4.04
N LEU A 49 -0.72 -10.82 -4.91
CA LEU A 49 -0.25 -9.63 -5.61
C LEU A 49 0.16 -8.55 -4.61
N SER A 50 -0.72 -8.28 -3.64
CA SER A 50 -0.47 -7.22 -2.66
C SER A 50 0.73 -7.57 -1.79
N VAL A 51 0.81 -8.80 -1.30
CA VAL A 51 1.93 -9.17 -0.44
C VAL A 51 3.26 -8.99 -1.17
N ALA A 52 3.32 -9.44 -2.42
CA ALA A 52 4.56 -9.39 -3.16
C ALA A 52 5.05 -7.96 -3.26
N TYR A 53 4.23 -7.09 -3.83
CA TYR A 53 4.66 -5.69 -4.06
C TYR A 53 4.83 -4.95 -2.75
N LYS A 54 4.03 -5.26 -1.70
CA LYS A 54 4.21 -4.56 -0.43
C LYS A 54 5.62 -4.80 0.11
N ASN A 55 6.09 -6.04 -0.02
CA ASN A 55 7.37 -6.42 0.50
C ASN A 55 8.49 -5.80 -0.33
N VAL A 56 8.34 -5.79 -1.66
CA VAL A 56 9.36 -5.20 -2.53
C VAL A 56 9.46 -3.70 -2.21
N VAL A 57 8.33 -2.99 -2.28
CA VAL A 57 8.38 -1.54 -2.08
C VAL A 57 8.74 -1.22 -0.65
N GLY A 58 8.31 -2.03 0.31
CA GLY A 58 8.68 -1.82 1.69
C GLY A 58 10.15 -1.80 1.93
N GLY A 59 10.86 -2.74 1.28
CA GLY A 59 12.31 -2.74 1.37
C GLY A 59 12.93 -1.50 0.72
N GLN A 60 12.38 -1.07 -0.43
CA GLN A 60 12.90 0.13 -1.12
C GLN A 60 12.68 1.38 -0.27
N ARG A 61 11.51 1.48 0.36
CA ARG A 61 11.19 2.64 1.21
C ARG A 61 12.16 2.65 2.40
N ALA A 62 12.41 1.50 3.03
CA ALA A 62 13.30 1.52 4.16
C ALA A 62 14.69 1.97 3.72
N ALA A 63 15.15 1.50 2.56
CA ALA A 63 16.48 1.89 2.06
C ALA A 63 16.53 3.37 1.74
N TRP A 64 15.46 3.86 1.11
CA TRP A 64 15.36 5.26 0.76
C TRP A 64 15.45 6.15 2.00
N ARG A 65 14.79 5.72 3.06
CA ARG A 65 14.79 6.50 4.32
C ARG A 65 16.20 6.52 4.93
N VAL A 66 16.93 5.41 4.84
CA VAL A 66 18.29 5.40 5.38
C VAL A 66 19.13 6.41 4.60
N LEU A 67 19.03 6.35 3.26
CA LEU A 67 19.85 7.16 2.40
C LEU A 67 19.45 8.66 2.52
N SER A 68 18.15 8.96 2.58
CA SER A 68 17.69 10.33 2.74
C SER A 68 18.21 10.91 4.05
N SER A 69 18.24 10.12 5.11
CA SER A 69 18.74 10.61 6.39
C SER A 69 20.23 10.96 6.30
N ILE A 70 21.00 10.12 5.61
CA ILE A 70 22.44 10.36 5.45
C ILE A 70 22.60 11.66 4.64
N GLU A 71 21.78 11.81 3.61
CA GLU A 71 21.85 12.98 2.73
C GLU A 71 21.49 14.28 3.47
N GLN A 72 20.46 14.23 4.30
CA GLN A 72 20.05 15.39 5.09
C GLN A 72 21.18 15.79 6.07
N LYS A 73 21.81 14.80 6.71
CA LYS A 73 22.95 15.05 7.60
C LYS A 73 24.13 15.74 6.87
N SER A 74 24.37 15.29 5.63
CA SER A 74 25.39 15.90 4.75
C SER A 74 25.15 17.37 4.44
N ASN A 75 23.90 17.82 4.52
CA ASN A 75 23.54 19.19 4.22
C ASN A 75 23.47 20.12 5.45
N GLU A 76 23.81 19.59 6.64
CA GLU A 76 23.89 20.37 7.88
C GLU A 76 25.18 21.18 7.98
N GLU A 77 25.12 22.32 8.69
CA GLU A 77 26.30 23.16 8.90
C GLU A 77 27.39 22.35 9.59
N GLY A 78 28.61 22.48 9.06
CA GLY A 78 29.77 21.82 9.64
C GLY A 78 29.98 20.43 9.09
N SER A 79 29.09 19.97 8.21
CA SER A 79 29.30 18.67 7.55
C SER A 79 30.33 18.83 6.44
N GLU A 80 31.26 17.88 6.33
CA GLU A 80 32.31 17.92 5.32
C GLU A 80 31.70 17.53 3.96
N GLU A 81 32.14 18.19 2.88
CA GLU A 81 31.67 17.89 1.53
C GLU A 81 32.22 16.53 1.10
N LYS A 82 31.33 15.63 0.68
CA LYS A 82 31.75 14.25 0.30
C LYS A 82 31.44 13.94 -1.17
N GLY A 83 30.96 14.96 -1.89
CA GLY A 83 30.67 14.84 -3.29
C GLY A 83 29.25 14.41 -3.58
N PRO A 84 28.97 14.02 -4.82
CA PRO A 84 27.61 13.77 -5.28
C PRO A 84 27.10 12.36 -4.96
N GLU A 85 27.92 11.50 -4.37
CA GLU A 85 27.58 10.10 -4.29
C GLU A 85 26.34 9.78 -3.48
N VAL A 86 26.15 10.43 -2.34
CA VAL A 86 24.98 10.15 -1.51
C VAL A 86 23.70 10.49 -2.26
N ARG A 87 23.65 11.67 -2.84
CA ARG A 87 22.49 12.10 -3.66
C ARG A 87 22.32 11.14 -4.83
N GLU A 88 23.39 10.80 -5.54
CA GLU A 88 23.25 9.89 -6.67
C GLU A 88 22.60 8.56 -6.27
N TYR A 89 23.07 8.00 -5.17
CA TYR A 89 22.63 6.66 -4.76
C TYR A 89 21.22 6.74 -4.20
N ARG A 90 20.88 7.81 -3.49
CA ARG A 90 19.48 8.02 -3.06
C ARG A 90 18.58 8.13 -4.30
N GLU A 91 19.02 8.87 -5.30
CA GLU A 91 18.28 9.01 -6.55
C GLU A 91 18.09 7.66 -7.24
N LYS A 92 19.11 6.80 -7.22
CA LYS A 92 19.04 5.50 -7.85
C LYS A 92 17.95 4.65 -7.20
N VAL A 93 18.00 4.59 -5.87
CA VAL A 93 17.00 3.86 -5.11
C VAL A 93 15.62 4.44 -5.34
N GLU A 94 15.53 5.76 -5.31
CA GLU A 94 14.30 6.45 -5.54
C GLU A 94 13.68 6.09 -6.90
N THR A 95 14.52 6.11 -7.94
CA THR A 95 14.04 5.84 -9.29
C THR A 95 13.51 4.41 -9.35
N GLU A 96 14.21 3.47 -8.72
CA GLU A 96 13.77 2.10 -8.71
C GLU A 96 12.43 1.95 -7.99
N LEU A 97 12.29 2.62 -6.86
CA LEU A 97 11.03 2.67 -6.10
C LEU A 97 9.90 3.21 -6.95
N GLN A 98 10.13 4.35 -7.60
CA GLN A 98 9.13 4.95 -8.47
C GLN A 98 8.74 3.97 -9.56
N GLY A 99 9.72 3.23 -10.09
CA GLY A 99 9.42 2.26 -11.10
C GLY A 99 8.50 1.14 -10.66
N VAL A 100 8.72 0.65 -9.44
CA VAL A 100 7.85 -0.38 -8.90
C VAL A 100 6.42 0.17 -8.72
N CYS A 101 6.31 1.40 -8.17
CA CYS A 101 5.03 2.03 -7.99
C CYS A 101 4.33 2.19 -9.31
N ASP A 102 5.06 2.64 -10.32
CA ASP A 102 4.47 2.81 -11.64
C ASP A 102 4.00 1.48 -12.23
N THR A 103 4.75 0.40 -11.97
CA THR A 103 4.35 -0.91 -12.43
C THR A 103 3.03 -1.32 -11.79
N VAL A 104 2.93 -1.17 -10.47
CA VAL A 104 1.70 -1.56 -9.77
C VAL A 104 0.53 -0.72 -10.28
N LEU A 105 0.73 0.61 -10.35
CA LEU A 105 -0.34 1.48 -10.80
C LEU A 105 -0.76 1.08 -12.21
N GLY A 106 0.21 0.73 -13.02
CA GLY A 106 -0.10 0.27 -14.35
C GLY A 106 -0.97 -0.98 -14.43
N LEU A 107 -0.69 -1.96 -13.58
CA LEU A 107 -1.52 -3.14 -13.52
C LEU A 107 -2.92 -2.80 -13.10
N LEU A 108 -3.05 -1.89 -12.14
CA LEU A 108 -4.38 -1.47 -11.66
C LEU A 108 -5.14 -0.76 -12.76
N ASP A 109 -4.46 0.06 -13.53
CA ASP A 109 -5.09 0.83 -14.60
C ASP A 109 -5.34 0.00 -15.86
N SER A 110 -4.60 -1.10 -16.03
CA SER A 110 -4.65 -1.90 -17.25
C SER A 110 -4.64 -3.39 -16.88
N HIS A 111 -5.77 -3.96 -16.41
CA HIS A 111 -7.10 -3.38 -16.37
C HIS A 111 -7.85 -3.85 -15.11
N LEU A 112 -7.12 -4.00 -13.99
CA LEU A 112 -7.73 -4.56 -12.82
C LEU A 112 -8.93 -3.78 -12.28
N ILE A 113 -8.78 -2.48 -12.14
CA ILE A 113 -9.83 -1.68 -11.55
C ILE A 113 -11.08 -1.71 -12.42
N LYS A 114 -10.93 -1.46 -13.72
CA LYS A 114 -12.11 -1.32 -14.56
C LYS A 114 -12.96 -2.59 -14.64
N GLU A 115 -12.33 -3.77 -14.42
CA GLU A 115 -13.05 -5.03 -14.46
C GLU A 115 -13.59 -5.46 -13.11
N ALA A 116 -13.25 -4.72 -12.04
CA ALA A 116 -13.60 -5.09 -10.67
C ALA A 116 -14.94 -4.46 -10.33
N GLY A 117 -15.96 -5.29 -10.29
CA GLY A 117 -17.33 -4.89 -9.98
C GLY A 117 -17.82 -5.16 -8.58
N ASP A 118 -17.29 -6.21 -7.96
CA ASP A 118 -17.71 -6.54 -6.64
C ASP A 118 -17.05 -5.57 -5.69
N ALA A 119 -17.76 -5.19 -4.63
CA ALA A 119 -17.19 -4.22 -3.70
C ALA A 119 -15.84 -4.66 -3.15
N GLU A 120 -15.70 -5.93 -2.79
CA GLU A 120 -14.49 -6.40 -2.17
C GLU A 120 -13.29 -6.29 -3.09
N SER A 121 -13.48 -6.55 -4.38
CA SER A 121 -12.37 -6.47 -5.31
C SER A 121 -12.06 -4.99 -5.59
N ARG A 122 -13.11 -4.23 -5.90
CA ARG A 122 -12.93 -2.81 -6.29
C ARG A 122 -12.28 -2.03 -5.14
N VAL A 123 -12.76 -2.20 -3.92
CA VAL A 123 -12.16 -1.50 -2.78
C VAL A 123 -10.69 -1.91 -2.59
N PHE A 124 -10.42 -3.21 -2.71
CA PHE A 124 -9.06 -3.72 -2.56
C PHE A 124 -8.12 -3.01 -3.52
N TYR A 125 -8.50 -2.96 -4.81
CA TYR A 125 -7.66 -2.33 -5.85
C TYR A 125 -7.55 -0.82 -5.64
N LEU A 126 -8.64 -0.15 -5.28
CA LEU A 126 -8.56 1.27 -5.09
C LEU A 126 -7.68 1.62 -3.87
N LYS A 127 -7.76 0.81 -2.82
CA LYS A 127 -6.83 0.95 -1.68
C LYS A 127 -5.39 0.84 -2.19
N MET A 128 -5.09 -0.17 -3.00
CA MET A 128 -3.74 -0.35 -3.55
C MET A 128 -3.35 0.93 -4.32
N LYS A 129 -4.26 1.43 -5.15
CA LYS A 129 -3.96 2.66 -5.93
C LYS A 129 -3.58 3.78 -4.99
N GLY A 130 -4.36 3.99 -3.93
CA GLY A 130 -4.04 5.01 -2.95
C GLY A 130 -2.66 4.80 -2.31
N ASP A 131 -2.39 3.55 -1.94
CA ASP A 131 -1.14 3.19 -1.29
C ASP A 131 0.07 3.51 -2.18
N TYR A 132 0.03 3.14 -3.46
CA TYR A 132 1.21 3.31 -4.35
C TYR A 132 1.35 4.79 -4.73
N TYR A 133 0.27 5.54 -4.87
CA TYR A 133 0.42 7.00 -4.98
C TYR A 133 1.00 7.56 -3.69
N ARG A 134 0.61 7.04 -2.53
CA ARG A 134 1.17 7.53 -1.26
C ARG A 134 2.69 7.29 -1.27
N TYR A 135 3.14 6.12 -1.72
CA TYR A 135 4.61 5.85 -1.78
C TYR A 135 5.28 6.83 -2.75
N LEU A 136 4.65 7.11 -3.89
CA LEU A 136 5.18 8.14 -4.77
C LEU A 136 5.26 9.49 -4.08
N ALA A 137 4.25 9.81 -3.29
CA ALA A 137 4.20 11.11 -2.59
C ALA A 137 5.32 11.23 -1.55
N GLU A 138 5.68 10.10 -0.93
CA GLU A 138 6.69 10.13 0.12
C GLU A 138 8.02 10.69 -0.42
N VAL A 139 8.31 10.43 -1.72
CA VAL A 139 9.58 10.80 -2.32
C VAL A 139 9.52 11.99 -3.26
N ALA A 140 8.31 12.51 -3.47
CA ALA A 140 8.04 13.62 -4.39
C ALA A 140 8.45 14.92 -3.79
N THR A 141 9.13 15.74 -4.60
CA THR A 141 9.64 17.04 -4.16
C THR A 141 9.44 18.13 -5.19
N GLY A 142 8.83 17.81 -6.34
CA GLY A 142 8.73 18.75 -7.45
C GLY A 142 7.32 19.25 -7.80
N ASP A 143 7.15 19.67 -9.06
CA ASP A 143 5.95 20.38 -9.56
C ASP A 143 4.66 19.54 -9.44
N ASP A 144 4.81 18.21 -9.45
CA ASP A 144 3.68 17.31 -9.45
C ASP A 144 3.34 16.73 -8.08
N LYS A 145 4.04 17.15 -7.02
CA LYS A 145 3.80 16.57 -5.69
C LYS A 145 2.33 16.72 -5.28
N LYS A 146 1.77 17.91 -5.50
CA LYS A 146 0.37 18.11 -5.17
C LYS A 146 -0.53 17.18 -5.91
N ARG A 147 -0.28 16.99 -7.21
CA ARG A 147 -1.16 16.14 -8.04
C ARG A 147 -0.99 14.69 -7.56
N ILE A 148 0.22 14.27 -7.20
CA ILE A 148 0.42 12.90 -6.72
C ILE A 148 -0.37 12.67 -5.44
N ILE A 149 -0.25 13.62 -4.51
CA ILE A 149 -1.00 13.56 -3.28
C ILE A 149 -2.50 13.50 -3.55
N ASP A 150 -2.97 14.31 -4.48
CA ASP A 150 -4.39 14.29 -4.78
C ASP A 150 -4.85 12.98 -5.42
N SER A 151 -3.97 12.36 -6.22
CA SER A 151 -4.27 11.07 -6.80
C SER A 151 -4.44 10.01 -5.72
N ALA A 152 -3.56 10.04 -4.70
CA ALA A 152 -3.71 9.12 -3.58
C ALA A 152 -5.05 9.36 -2.89
N ARG A 153 -5.30 10.62 -2.56
CA ARG A 153 -6.53 11.02 -1.84
C ARG A 153 -7.76 10.54 -2.62
N SER A 154 -7.78 10.79 -3.92
CA SER A 154 -8.98 10.43 -4.71
C SER A 154 -9.24 8.93 -4.73
N ALA A 155 -8.17 8.16 -4.84
CA ALA A 155 -8.30 6.71 -4.89
C ALA A 155 -8.84 6.23 -3.53
N TYR A 156 -8.22 6.67 -2.45
CA TYR A 156 -8.66 6.30 -1.10
C TYR A 156 -10.12 6.73 -0.89
N GLN A 157 -10.49 7.94 -1.33
CA GLN A 157 -11.85 8.43 -1.09
C GLN A 157 -12.89 7.57 -1.81
N GLU A 158 -12.60 7.21 -3.07
CA GLU A 158 -13.51 6.33 -3.80
C GLU A 158 -13.66 4.99 -3.07
N ALA A 159 -12.53 4.43 -2.64
CA ALA A 159 -12.57 3.18 -1.90
C ALA A 159 -13.40 3.33 -0.61
N MET A 160 -13.22 4.44 0.11
CA MET A 160 -13.95 4.67 1.35
C MET A 160 -15.44 4.75 1.06
N ASP A 161 -15.80 5.45 -0.02
CA ASP A 161 -17.22 5.66 -0.29
C ASP A 161 -17.89 4.25 -0.56
N ILE A 162 -17.25 3.44 -1.41
CA ILE A 162 -17.77 2.10 -1.71
C ILE A 162 -17.83 1.27 -0.44
N SER A 163 -16.75 1.28 0.35
CA SER A 163 -16.66 0.39 1.50
C SER A 163 -17.79 0.76 2.51
N LYS A 164 -18.06 2.05 2.71
CA LYS A 164 -19.09 2.44 3.67
C LYS A 164 -20.48 2.00 3.22
N LYS A 165 -20.73 1.97 1.91
CA LYS A 165 -22.03 1.59 1.37
C LYS A 165 -22.23 0.08 1.34
N GLU A 166 -21.18 -0.67 1.04
CA GLU A 166 -21.27 -2.07 0.62
C GLU A 166 -20.71 -3.11 1.58
N MET A 167 -19.92 -2.66 2.57
CA MET A 167 -19.21 -3.62 3.46
C MET A 167 -19.54 -3.31 4.91
N PRO A 168 -19.56 -4.32 5.80
CA PRO A 168 -19.75 -4.05 7.22
C PRO A 168 -18.53 -3.35 7.80
N PRO A 169 -18.70 -2.66 8.94
CA PRO A 169 -17.64 -1.87 9.52
C PRO A 169 -16.49 -2.74 10.05
N THR A 170 -16.69 -4.05 10.18
CA THR A 170 -15.61 -4.97 10.59
C THR A 170 -14.87 -5.60 9.45
N ASN A 171 -15.32 -5.35 8.22
CA ASN A 171 -14.70 -6.03 7.09
C ASN A 171 -13.21 -5.71 7.06
N PRO A 172 -12.29 -6.70 7.03
CA PRO A 172 -10.87 -6.40 7.08
C PRO A 172 -10.34 -5.47 5.98
N ILE A 173 -10.91 -5.55 4.77
CA ILE A 173 -10.51 -4.65 3.72
C ILE A 173 -10.89 -3.23 4.09
N ARG A 174 -12.13 -3.04 4.54
CA ARG A 174 -12.57 -1.69 4.96
C ARG A 174 -11.69 -1.17 6.10
N LEU A 175 -11.37 -2.02 7.08
CA LEU A 175 -10.52 -1.59 8.17
C LEU A 175 -9.13 -1.21 7.71
N GLY A 176 -8.53 -2.04 6.87
CA GLY A 176 -7.19 -1.75 6.38
C GLY A 176 -7.10 -0.52 5.55
N LEU A 177 -8.12 -0.31 4.72
CA LEU A 177 -8.26 0.92 3.94
C LEU A 177 -8.26 2.13 4.87
N ALA A 178 -9.08 2.07 5.90
CA ALA A 178 -9.23 3.20 6.85
C ALA A 178 -7.92 3.44 7.57
N LEU A 179 -7.26 2.37 8.01
CA LEU A 179 -5.95 2.45 8.65
C LEU A 179 -5.00 3.21 7.77
N ASN A 180 -4.92 2.81 6.50
CA ASN A 180 -3.94 3.43 5.59
C ASN A 180 -4.30 4.86 5.18
N PHE A 181 -5.59 5.12 4.96
CA PHE A 181 -6.04 6.47 4.62
C PHE A 181 -5.77 7.40 5.81
N SER A 182 -5.96 6.90 7.02
CA SER A 182 -5.61 7.67 8.22
C SER A 182 -4.14 8.01 8.24
N VAL A 183 -3.27 7.03 7.94
CA VAL A 183 -1.83 7.34 7.83
C VAL A 183 -1.54 8.34 6.72
N PHE A 184 -2.20 8.21 5.57
CA PHE A 184 -2.10 9.23 4.52
C PHE A 184 -2.37 10.65 5.10
N HIS A 185 -3.46 10.78 5.85
CA HIS A 185 -3.79 12.07 6.40
C HIS A 185 -2.68 12.57 7.30
N TYR A 186 -2.14 11.71 8.14
CA TYR A 186 -1.16 12.11 9.17
C TYR A 186 0.20 12.44 8.52
N GLU A 187 0.67 11.57 7.65
CA GLU A 187 2.05 11.62 7.17
C GLU A 187 2.23 12.38 5.85
N ILE A 188 1.17 12.41 5.02
CA ILE A 188 1.25 12.97 3.66
C ILE A 188 0.50 14.30 3.50
N ALA A 189 -0.73 14.34 4.02
CA ALA A 189 -1.63 15.48 3.83
C ALA A 189 -1.56 16.54 4.92
N ASN A 190 -0.70 16.32 5.91
CA ASN A 190 -0.53 17.31 7.00
C ASN A 190 -1.84 17.59 7.68
N SER A 191 -2.58 16.51 7.94
CA SER A 191 -3.92 16.55 8.53
C SER A 191 -4.04 15.60 9.71
N PRO A 192 -3.27 15.81 10.79
CA PRO A 192 -3.27 14.84 11.88
C PRO A 192 -4.65 14.73 12.56
N GLU A 193 -5.40 15.82 12.64
CA GLU A 193 -6.73 15.72 13.19
C GLU A 193 -7.66 14.82 12.40
N GLU A 194 -7.62 14.91 11.08
CA GLU A 194 -8.40 14.03 10.24
C GLU A 194 -7.94 12.57 10.45
N ALA A 195 -6.63 12.38 10.57
CA ALA A 195 -6.09 11.04 10.75
C ALA A 195 -6.63 10.41 12.03
N ILE A 196 -6.58 11.17 13.11
CA ILE A 196 -7.02 10.71 14.42
C ILE A 196 -8.53 10.45 14.42
N SER A 197 -9.32 11.37 13.84
CA SER A 197 -10.77 11.20 13.77
C SER A 197 -11.14 9.93 13.00
N LEU A 198 -10.48 9.73 11.88
CA LEU A 198 -10.76 8.55 11.06
C LEU A 198 -10.44 7.30 11.79
N ALA A 199 -9.25 7.25 12.41
CA ALA A 199 -8.91 6.04 13.13
C ALA A 199 -9.88 5.73 14.27
N LYS A 200 -10.24 6.74 15.05
CA LYS A 200 -11.14 6.59 16.19
C LYS A 200 -12.51 6.11 15.71
N THR A 201 -13.10 6.80 14.73
CA THR A 201 -14.43 6.46 14.29
C THR A 201 -14.45 5.05 13.71
N THR A 202 -13.40 4.72 12.96
CA THR A 202 -13.32 3.39 12.35
C THR A 202 -13.27 2.33 13.44
N PHE A 203 -12.42 2.55 14.45
CA PHE A 203 -12.29 1.60 15.57
C PHE A 203 -13.63 1.42 16.27
N ASP A 204 -14.30 2.52 16.59
CA ASP A 204 -15.51 2.45 17.40
C ASP A 204 -16.67 1.80 16.64
N GLU A 205 -16.77 2.07 15.34
CA GLU A 205 -17.82 1.46 14.56
C GLU A 205 -17.57 -0.03 14.35
N ALA A 206 -16.30 -0.41 14.27
CA ALA A 206 -15.98 -1.84 14.22
C ALA A 206 -16.31 -2.54 15.53
N MET A 207 -15.94 -1.93 16.65
CA MET A 207 -16.19 -2.48 17.96
C MET A 207 -17.65 -2.86 18.12
N ALA A 208 -18.53 -1.94 17.70
CA ALA A 208 -19.96 -2.12 17.78
C ALA A 208 -20.53 -3.24 16.92
N ASP A 209 -19.76 -3.74 15.96
CA ASP A 209 -20.27 -4.79 15.04
C ASP A 209 -19.58 -6.15 15.30
N LEU A 210 -18.64 -6.21 16.25
CA LEU A 210 -17.95 -7.46 16.53
C LEU A 210 -18.91 -8.57 16.93
N HIS A 211 -20.03 -8.22 17.56
CA HIS A 211 -20.97 -9.20 18.09
C HIS A 211 -21.58 -10.05 17.03
N THR A 212 -21.52 -9.59 15.78
CA THR A 212 -22.13 -10.31 14.64
C THR A 212 -21.25 -11.40 14.08
N LEU A 213 -20.00 -11.45 14.54
CA LEU A 213 -18.97 -12.23 13.90
C LEU A 213 -18.73 -13.60 14.52
N SER A 214 -18.29 -14.52 13.67
CA SER A 214 -17.68 -15.77 14.12
C SER A 214 -16.36 -15.53 14.83
N GLU A 215 -15.87 -16.57 15.51
CA GLU A 215 -14.56 -16.52 16.16
C GLU A 215 -13.46 -16.14 15.16
N ASP A 216 -13.45 -16.78 13.99
CA ASP A 216 -12.37 -16.55 13.06
C ASP A 216 -12.47 -15.13 12.44
N SER A 217 -13.69 -14.65 12.14
CA SER A 217 -13.84 -13.29 11.62
C SER A 217 -13.45 -12.26 12.69
N TYR A 218 -13.83 -12.53 13.93
CA TYR A 218 -13.45 -11.71 15.09
C TYR A 218 -11.93 -11.56 15.16
N LYS A 219 -11.23 -12.66 15.00
CA LYS A 219 -9.76 -12.61 15.05
C LYS A 219 -9.21 -11.67 13.97
N ASP A 220 -9.71 -11.81 12.76
CA ASP A 220 -9.23 -11.06 11.61
C ASP A 220 -9.48 -9.55 11.82
N SER A 221 -10.67 -9.21 12.28
CA SER A 221 -11.05 -7.81 12.45
C SER A 221 -10.33 -7.15 13.63
N THR A 222 -10.25 -7.88 14.77
CA THR A 222 -9.59 -7.32 15.93
C THR A 222 -8.09 -7.07 15.72
N LEU A 223 -7.47 -7.89 14.88
CA LEU A 223 -6.06 -7.67 14.55
C LEU A 223 -5.86 -6.28 13.97
N ILE A 224 -6.67 -5.93 12.99
CA ILE A 224 -6.50 -4.60 12.35
C ILE A 224 -6.99 -3.53 13.28
N MET A 225 -8.05 -3.80 14.06
CA MET A 225 -8.44 -2.78 15.04
C MET A 225 -7.31 -2.42 16.02
N GLN A 226 -6.48 -3.41 16.35
CA GLN A 226 -5.37 -3.15 17.24
C GLN A 226 -4.33 -2.21 16.57
N LEU A 227 -4.16 -2.33 15.26
CA LEU A 227 -3.30 -1.42 14.51
C LEU A 227 -3.82 0.01 14.55
N LEU A 228 -5.13 0.16 14.42
CA LEU A 228 -5.73 1.47 14.57
C LEU A 228 -5.42 2.06 15.94
N ARG A 229 -5.59 1.25 16.99
CA ARG A 229 -5.32 1.68 18.39
C ARG A 229 -3.83 2.03 18.52
N ASP A 230 -2.97 1.22 17.90
CA ASP A 230 -1.53 1.46 18.03
C ASP A 230 -1.20 2.85 17.45
N ASN A 231 -1.76 3.16 16.29
CA ASN A 231 -1.53 4.47 15.70
C ASN A 231 -2.08 5.57 16.53
N LEU A 232 -3.30 5.39 17.04
CA LEU A 232 -3.91 6.39 17.93
C LEU A 232 -3.01 6.65 19.11
N THR A 233 -2.42 5.59 19.67
CA THR A 233 -1.53 5.74 20.80
C THR A 233 -0.24 6.52 20.44
N LEU A 234 0.28 6.27 19.23
CA LEU A 234 1.45 6.97 18.73
C LEU A 234 1.15 8.48 18.58
N TRP A 235 -0.10 8.79 18.22
CA TRP A 235 -0.46 10.15 17.80
C TRP A 235 -1.08 11.03 18.86
N THR A 236 -1.43 10.44 20.01
CA THR A 236 -2.13 11.14 21.08
C THR A 236 -1.37 11.00 22.41
N PHE B 1 7.44 4.92 12.88
CA PHE B 1 6.53 4.87 11.69
C PHE B 1 5.21 4.18 12.01
N PRO B 2 4.08 4.74 11.53
CA PRO B 2 2.78 4.16 11.85
C PRO B 2 2.49 2.87 11.06
N ALA B 3 1.55 2.10 11.58
CA ALA B 3 1.15 0.86 11.00
C ALA B 3 0.25 1.07 9.78
N TPO B 4 0.58 0.35 8.72
CA TPO B 4 -0.24 0.18 7.50
CB TPO B 4 0.25 1.08 6.34
CG2 TPO B 4 0.16 2.56 6.67
OG1 TPO B 4 1.64 0.69 6.15
P TPO B 4 2.48 1.19 4.87
O1P TPO B 4 3.67 0.23 4.86
O2P TPO B 4 2.91 2.60 5.10
O3P TPO B 4 1.59 1.06 3.66
C TPO B 4 -0.26 -1.29 7.10
O TPO B 4 0.60 -2.05 7.53
N VAL B 5 -1.29 -1.65 6.36
CA VAL B 5 -1.39 -3.02 5.88
C VAL B 5 -1.52 -3.13 4.37
MG MG C . -16.03 11.50 8.53
MG MG D . -3.25 -21.15 -20.51
MG MG E . 14.23 11.81 -8.26
C15 ND9 F . -8.55 -9.30 2.29
C12 ND9 F . -7.21 -10.29 5.79
C11 ND9 F . -5.20 -9.00 6.37
C10 ND9 F . -5.64 -6.33 5.21
C13 ND9 F . -8.17 -9.76 4.75
C14 ND9 F . -7.71 -10.05 3.32
C9 ND9 F . -6.56 -5.36 4.82
C6 ND9 F . -4.56 -6.14 3.07
C7 ND9 F . -5.50 -5.19 2.69
C8 ND9 F . -6.52 -4.84 3.54
C3 ND9 F . -3.37 -7.48 7.18
C2 ND9 F . -3.02 -8.14 8.50
C1 ND9 F . -1.99 -9.23 8.29
C4 ND9 F . -3.79 -8.41 6.03
C5 ND9 F . -4.61 -6.68 4.35
N1 ND9 F . -1.69 -9.88 9.59
O1 ND9 F . -3.69 -7.63 4.74
O2 ND9 F . -5.74 -8.73 7.45
N2 ND9 F . -5.86 -9.78 5.51
N3 ND9 F . -8.57 -9.88 0.93
C16 ND9 F . -9.66 -10.48 0.48
O3 ND9 F . -10.71 -10.60 1.21
C17 ND9 F . -9.59 -11.07 -0.92
C18 ND9 F . -6.25 -9.65 3.14
C19 ND9 F . -5.38 -10.24 4.21
C20 ND9 F . -2.80 -9.59 5.92
C21 ND9 F . -2.47 -10.25 7.26
#